data_1CBM
#
_entry.id   1CBM
#
_cell.length_a   63.300
_cell.length_b   82.400
_cell.length_c   53.700
_cell.angle_alpha   90.00
_cell.angle_beta   90.10
_cell.angle_gamma   90.00
#
_symmetry.space_group_name_H-M   'P 1 21 1'
#
loop_
_entity.id
_entity.type
_entity.pdbx_description
1 polymer 'HEMOGLOBIN BETA 4 (CARBONMONOXY)'
2 non-polymer 'SULFATE ION'
3 non-polymer 'PROTOPORPHYRIN IX CONTAINING FE'
4 non-polymer 'CARBON MONOXIDE'
5 water water
#
_entity_poly.entity_id   1
_entity_poly.type   'polypeptide(L)'
_entity_poly.pdbx_seq_one_letter_code
;VHLTPEEKSAVTALWGKVNVDEVGGEALGRLLVVYPWTQRFFESFGDLSTPDAVMGNPKVKAHGKKVLGAFSDGLAHLDN
LKGTFATLSELHCDKLHVDPENFRLLGNVLVCVLAHHFGKEFTPPVQAAYQKVVAGVANALAHKYH
;
_entity_poly.pdbx_strand_id   A,B,C,D
#
# COMPACT_ATOMS: atom_id res chain seq x y z
N VAL A 1 -4.45 15.20 -12.49
CA VAL A 1 -3.34 14.53 -13.21
C VAL A 1 -2.67 15.66 -14.02
N HIS A 2 -1.36 15.79 -13.86
CA HIS A 2 -0.67 16.84 -14.65
C HIS A 2 0.26 16.21 -15.68
N LEU A 3 -0.08 16.30 -16.96
CA LEU A 3 0.77 15.80 -18.04
C LEU A 3 1.29 17.01 -18.89
N THR A 4 2.51 16.86 -19.31
CA THR A 4 3.10 17.88 -20.22
C THR A 4 2.53 17.50 -21.59
N PRO A 5 2.50 18.45 -22.52
CA PRO A 5 1.93 18.19 -23.86
C PRO A 5 2.66 17.04 -24.54
N GLU A 6 3.94 16.96 -24.30
CA GLU A 6 4.80 15.90 -24.87
C GLU A 6 4.28 14.55 -24.37
N GLU A 7 3.91 14.64 -23.09
CA GLU A 7 3.36 13.44 -22.40
C GLU A 7 1.96 13.18 -22.92
N LYS A 8 1.15 14.25 -22.97
CA LYS A 8 -0.19 14.01 -23.53
C LYS A 8 -0.09 13.47 -24.95
N SER A 9 0.87 13.92 -25.77
CA SER A 9 0.94 13.44 -27.16
C SER A 9 1.23 11.96 -27.27
N ALA A 10 2.24 11.60 -26.49
CA ALA A 10 2.76 10.22 -26.47
C ALA A 10 1.72 9.24 -25.93
N VAL A 11 0.95 9.66 -24.95
CA VAL A 11 -0.06 8.73 -24.38
C VAL A 11 -1.16 8.49 -25.42
N THR A 12 -1.70 9.60 -25.93
CA THR A 12 -2.74 9.48 -26.97
C THR A 12 -2.25 8.79 -28.22
N ALA A 13 -1.00 8.98 -28.63
CA ALA A 13 -0.53 8.29 -29.85
C ALA A 13 -0.52 6.78 -29.68
N LEU A 14 -0.18 6.40 -28.44
CA LEU A 14 -0.06 4.95 -28.13
C LEU A 14 -1.46 4.36 -28.09
N TRP A 15 -2.29 5.16 -27.47
CA TRP A 15 -3.69 4.79 -27.21
C TRP A 15 -4.35 4.51 -28.56
N GLY A 16 -4.21 5.47 -29.47
CA GLY A 16 -4.79 5.33 -30.79
C GLY A 16 -4.53 3.99 -31.43
N LYS A 17 -3.47 3.31 -31.04
CA LYS A 17 -3.13 2.01 -31.63
C LYS A 17 -3.51 0.80 -30.81
N VAL A 18 -4.24 1.03 -29.73
CA VAL A 18 -4.66 -0.09 -28.85
C VAL A 18 -5.87 -0.81 -29.45
N ASN A 19 -5.77 -2.13 -29.49
CA ASN A 19 -6.83 -3.01 -29.92
C ASN A 19 -7.81 -3.07 -28.69
N VAL A 20 -8.68 -2.12 -28.65
CA VAL A 20 -9.68 -1.89 -27.62
C VAL A 20 -10.53 -3.10 -27.27
N ASP A 21 -10.81 -3.85 -28.34
CA ASP A 21 -11.60 -5.07 -28.23
C ASP A 21 -10.83 -6.22 -27.60
N GLU A 22 -9.53 -6.11 -27.49
CA GLU A 22 -8.73 -7.21 -26.92
C GLU A 22 -8.02 -6.80 -25.64
N VAL A 23 -7.47 -5.60 -25.66
CA VAL A 23 -6.68 -5.16 -24.51
C VAL A 23 -7.43 -5.23 -23.18
N GLY A 24 -8.65 -4.79 -23.16
CA GLY A 24 -9.55 -4.75 -22.03
C GLY A 24 -9.74 -6.12 -21.38
N GLY A 25 -10.00 -7.11 -22.19
CA GLY A 25 -10.21 -8.52 -21.76
C GLY A 25 -8.90 -9.08 -21.20
N GLU A 26 -7.78 -8.69 -21.82
CA GLU A 26 -6.47 -9.18 -21.38
C GLU A 26 -6.07 -8.58 -20.01
N ALA A 27 -6.31 -7.30 -19.84
CA ALA A 27 -6.02 -6.60 -18.58
C ALA A 27 -6.95 -7.16 -17.46
N LEU A 28 -8.25 -7.27 -17.70
CA LEU A 28 -9.16 -7.81 -16.67
C LEU A 28 -8.80 -9.25 -16.39
N GLY A 29 -8.59 -10.06 -17.42
CA GLY A 29 -8.23 -11.46 -17.20
C GLY A 29 -6.94 -11.62 -16.41
N ARG A 30 -5.93 -10.83 -16.74
CA ARG A 30 -4.66 -10.96 -16.00
C ARG A 30 -4.87 -10.50 -14.57
N LEU A 31 -5.68 -9.46 -14.34
CA LEU A 31 -5.94 -9.07 -12.93
C LEU A 31 -6.42 -10.29 -12.15
N LEU A 32 -7.39 -11.04 -12.70
CA LEU A 32 -7.96 -12.21 -11.97
C LEU A 32 -7.00 -13.33 -11.75
N VAL A 33 -6.03 -13.53 -12.63
CA VAL A 33 -5.02 -14.57 -12.53
C VAL A 33 -3.93 -14.25 -11.54
N VAL A 34 -3.42 -13.04 -11.66
CA VAL A 34 -2.28 -12.54 -10.90
C VAL A 34 -2.68 -12.19 -9.47
N TYR A 35 -3.85 -11.61 -9.26
CA TYR A 35 -4.29 -11.22 -7.86
C TYR A 35 -5.59 -11.95 -7.64
N PRO A 36 -5.47 -13.20 -7.24
CA PRO A 36 -6.62 -14.11 -7.23
C PRO A 36 -7.82 -13.76 -6.39
N TRP A 37 -7.60 -12.98 -5.36
CA TRP A 37 -8.68 -12.57 -4.46
C TRP A 37 -9.69 -11.76 -5.25
N THR A 38 -9.28 -11.15 -6.35
CA THR A 38 -10.21 -10.33 -7.15
C THR A 38 -11.32 -11.15 -7.80
N GLN A 39 -11.12 -12.44 -7.99
CA GLN A 39 -12.16 -13.30 -8.58
C GLN A 39 -13.45 -13.28 -7.75
N ARG A 40 -13.36 -12.93 -6.47
CA ARG A 40 -14.56 -12.88 -5.63
C ARG A 40 -15.65 -11.94 -6.17
N PHE A 41 -15.27 -10.89 -6.87
CA PHE A 41 -16.19 -9.92 -7.43
C PHE A 41 -16.90 -10.44 -8.70
N PHE A 42 -16.34 -11.50 -9.29
CA PHE A 42 -16.85 -11.93 -10.59
C PHE A 42 -17.33 -13.36 -10.65
N GLU A 43 -17.69 -13.87 -9.52
CA GLU A 43 -18.17 -15.25 -9.42
C GLU A 43 -19.36 -15.52 -10.31
N SER A 44 -20.18 -14.52 -10.55
CA SER A 44 -21.37 -14.77 -11.42
C SER A 44 -21.00 -14.91 -12.89
N PHE A 45 -19.75 -14.63 -13.26
CA PHE A 45 -19.24 -14.66 -14.63
C PHE A 45 -19.04 -16.10 -15.11
N GLY A 46 -19.06 -16.98 -14.17
CA GLY A 46 -18.94 -18.41 -14.46
C GLY A 46 -17.66 -19.01 -13.94
N ASP A 47 -17.13 -19.93 -14.73
CA ASP A 47 -15.92 -20.68 -14.39
C ASP A 47 -14.65 -19.80 -14.42
N LEU A 48 -14.06 -19.68 -13.22
CA LEU A 48 -12.81 -18.92 -13.07
C LEU A 48 -11.74 -19.79 -12.40
N SER A 49 -11.89 -21.11 -12.42
CA SER A 49 -10.94 -21.96 -11.67
C SER A 49 -9.48 -21.86 -12.08
N THR A 50 -9.30 -22.05 -13.38
CA THR A 50 -7.96 -22.02 -13.99
C THR A 50 -7.75 -20.70 -14.73
N PRO A 51 -6.48 -20.41 -14.94
CA PRO A 51 -6.09 -19.21 -15.70
C PRO A 51 -6.68 -19.27 -17.09
N ASP A 52 -6.75 -20.52 -17.57
CA ASP A 52 -7.31 -20.80 -18.93
C ASP A 52 -8.78 -20.50 -18.97
N ALA A 53 -9.43 -20.93 -17.90
CA ALA A 53 -10.86 -20.67 -17.73
C ALA A 53 -11.06 -19.15 -17.67
N VAL A 54 -10.27 -18.45 -16.87
CA VAL A 54 -10.40 -17.00 -16.78
C VAL A 54 -10.18 -16.28 -18.11
N MET A 55 -9.05 -16.59 -18.73
CA MET A 55 -8.63 -15.95 -19.98
C MET A 55 -9.59 -16.26 -21.11
N GLY A 56 -10.19 -17.44 -21.05
CA GLY A 56 -11.18 -17.86 -22.05
C GLY A 56 -12.59 -17.35 -21.84
N ASN A 57 -12.94 -16.87 -20.67
CA ASN A 57 -14.27 -16.37 -20.33
C ASN A 57 -14.68 -15.17 -21.16
N PRO A 58 -15.73 -15.40 -21.95
CA PRO A 58 -16.26 -14.35 -22.83
C PRO A 58 -16.96 -13.29 -22.02
N LYS A 59 -17.42 -13.62 -20.81
CA LYS A 59 -18.04 -12.56 -19.99
C LYS A 59 -16.87 -11.61 -19.54
N VAL A 60 -15.75 -12.26 -19.23
CA VAL A 60 -14.54 -11.49 -18.82
C VAL A 60 -14.06 -10.57 -19.97
N LYS A 61 -14.06 -11.17 -21.16
CA LYS A 61 -13.65 -10.43 -22.36
C LYS A 61 -14.62 -9.29 -22.63
N ALA A 62 -15.91 -9.58 -22.57
CA ALA A 62 -16.94 -8.56 -22.85
C ALA A 62 -16.83 -7.35 -21.92
N HIS A 63 -16.75 -7.71 -20.64
CA HIS A 63 -16.61 -6.75 -19.55
C HIS A 63 -15.31 -5.94 -19.69
N GLY A 64 -14.23 -6.65 -20.04
CA GLY A 64 -12.90 -6.06 -20.23
C GLY A 64 -13.00 -4.93 -21.25
N LYS A 65 -13.78 -5.19 -22.32
CA LYS A 65 -13.99 -4.13 -23.33
C LYS A 65 -14.68 -2.93 -22.71
N LYS A 66 -15.60 -3.11 -21.79
CA LYS A 66 -16.31 -2.02 -21.11
C LYS A 66 -15.41 -1.22 -20.17
N VAL A 67 -14.47 -1.92 -19.53
CA VAL A 67 -13.51 -1.23 -18.65
C VAL A 67 -12.65 -0.29 -19.53
N LEU A 68 -12.14 -0.82 -20.62
CA LEU A 68 -11.27 -0.05 -21.53
C LEU A 68 -11.97 1.17 -22.11
N GLY A 69 -13.27 1.00 -22.28
CA GLY A 69 -14.07 2.12 -22.77
C GLY A 69 -14.09 3.26 -21.80
N ALA A 70 -14.22 3.01 -20.52
CA ALA A 70 -14.27 4.07 -19.50
C ALA A 70 -12.92 4.74 -19.39
N PHE A 71 -11.89 3.93 -19.59
CA PHE A 71 -10.48 4.38 -19.54
C PHE A 71 -10.32 5.41 -20.68
N SER A 72 -10.81 5.08 -21.85
CA SER A 72 -10.76 6.02 -23.01
C SER A 72 -11.50 7.30 -22.67
N ASP A 73 -12.57 7.18 -21.90
CA ASP A 73 -13.34 8.30 -21.38
C ASP A 73 -12.51 9.20 -20.47
N GLY A 74 -11.79 8.67 -19.50
CA GLY A 74 -11.03 9.56 -18.61
C GLY A 74 -9.89 10.26 -19.37
N LEU A 75 -9.32 9.51 -20.32
CA LEU A 75 -8.20 9.97 -21.13
C LEU A 75 -8.65 11.24 -21.87
N ALA A 76 -9.95 11.32 -22.14
CA ALA A 76 -10.51 12.47 -22.84
C ALA A 76 -10.82 13.60 -21.88
N HIS A 77 -10.78 13.37 -20.58
CA HIS A 77 -11.09 14.42 -19.61
C HIS A 77 -10.16 14.40 -18.41
N LEU A 78 -8.88 14.35 -18.72
CA LEU A 78 -7.88 14.32 -17.65
C LEU A 78 -8.14 15.47 -16.71
N ASP A 79 -8.73 16.50 -17.27
CA ASP A 79 -9.07 17.74 -16.54
C ASP A 79 -10.04 17.52 -15.39
N ASN A 80 -10.98 16.59 -15.59
CA ASN A 80 -12.03 16.29 -14.60
C ASN A 80 -12.32 14.80 -14.47
N LEU A 81 -11.42 14.02 -13.91
CA LEU A 81 -11.73 12.56 -13.80
C LEU A 81 -12.79 12.27 -12.77
N LYS A 82 -12.81 13.02 -11.69
CA LYS A 82 -13.77 12.80 -10.59
C LYS A 82 -15.19 12.84 -11.12
N GLY A 83 -15.45 13.85 -11.96
CA GLY A 83 -16.80 14.03 -12.53
C GLY A 83 -17.05 13.00 -13.61
N THR A 84 -16.03 12.67 -14.38
CA THR A 84 -16.16 11.67 -15.46
C THR A 84 -16.59 10.33 -14.87
N PHE A 85 -15.96 10.00 -13.77
CA PHE A 85 -16.10 8.75 -13.05
C PHE A 85 -17.07 8.75 -11.91
N ALA A 86 -17.78 9.82 -11.68
CA ALA A 86 -18.68 9.94 -10.53
C ALA A 86 -19.66 8.79 -10.39
N THR A 87 -20.26 8.43 -11.48
CA THR A 87 -21.28 7.35 -11.56
C THR A 87 -20.68 5.98 -11.32
N LEU A 88 -19.50 5.74 -11.92
CA LEU A 88 -18.78 4.46 -11.74
C LEU A 88 -18.24 4.35 -10.31
N SER A 89 -17.96 5.48 -9.69
CA SER A 89 -17.51 5.51 -8.31
C SER A 89 -18.64 5.10 -7.37
N GLU A 90 -19.84 5.61 -7.57
CA GLU A 90 -20.97 5.21 -6.69
C GLU A 90 -21.21 3.71 -6.82
N LEU A 91 -21.17 3.22 -8.05
CA LEU A 91 -21.40 1.79 -8.27
C LEU A 91 -20.36 0.92 -7.54
N HIS A 92 -19.11 1.18 -7.87
CA HIS A 92 -18.00 0.38 -7.36
C HIS A 92 -17.83 0.50 -5.86
N CYS A 93 -18.03 1.67 -5.30
CA CYS A 93 -17.89 1.89 -3.88
C CYS A 93 -19.17 1.54 -3.14
N ASP A 94 -20.25 2.27 -3.45
CA ASP A 94 -21.47 2.11 -2.70
C ASP A 94 -22.15 0.79 -2.90
N LYS A 95 -22.21 0.35 -4.13
CA LYS A 95 -22.89 -0.92 -4.39
C LYS A 95 -22.01 -2.15 -4.29
N LEU A 96 -20.86 -2.16 -4.95
CA LEU A 96 -20.00 -3.34 -5.04
C LEU A 96 -19.01 -3.49 -3.90
N HIS A 97 -18.73 -2.38 -3.20
CA HIS A 97 -17.72 -2.41 -2.12
C HIS A 97 -16.35 -2.90 -2.60
N VAL A 98 -15.85 -2.49 -3.73
CA VAL A 98 -14.51 -2.92 -4.20
C VAL A 98 -13.45 -2.22 -3.32
N ASP A 99 -12.42 -2.89 -2.82
CA ASP A 99 -11.33 -2.26 -2.03
C ASP A 99 -10.64 -1.29 -2.96
N PRO A 100 -10.36 -0.09 -2.46
CA PRO A 100 -9.65 0.94 -3.23
C PRO A 100 -8.34 0.38 -3.75
N GLU A 101 -7.66 -0.48 -3.02
CA GLU A 101 -6.40 -1.06 -3.50
C GLU A 101 -6.63 -1.83 -4.82
N ASN A 102 -7.79 -2.37 -5.07
CA ASN A 102 -8.01 -3.14 -6.32
C ASN A 102 -7.96 -2.31 -7.57
N PHE A 103 -8.46 -1.06 -7.40
CA PHE A 103 -8.45 -0.09 -8.52
C PHE A 103 -6.96 0.18 -8.92
N ARG A 104 -6.09 0.34 -7.93
CA ARG A 104 -4.65 0.54 -8.17
C ARG A 104 -4.06 -0.70 -8.85
N LEU A 105 -4.41 -1.90 -8.38
CA LEU A 105 -3.87 -3.10 -9.04
C LEU A 105 -4.33 -3.19 -10.48
N LEU A 106 -5.58 -2.89 -10.82
CA LEU A 106 -6.01 -2.97 -12.21
C LEU A 106 -5.18 -1.98 -13.06
N GLY A 107 -4.93 -0.83 -12.53
CA GLY A 107 -4.10 0.24 -13.14
C GLY A 107 -2.75 -0.35 -13.52
N ASN A 108 -2.13 -0.96 -12.53
CA ASN A 108 -0.83 -1.63 -12.68
C ASN A 108 -0.87 -2.67 -13.79
N VAL A 109 -1.85 -3.53 -13.78
CA VAL A 109 -1.94 -4.62 -14.80
C VAL A 109 -2.05 -3.97 -16.16
N LEU A 110 -2.86 -2.90 -16.23
CA LEU A 110 -3.01 -2.21 -17.52
C LEU A 110 -1.68 -1.71 -18.09
N VAL A 111 -0.87 -1.10 -17.26
CA VAL A 111 0.48 -0.60 -17.64
C VAL A 111 1.33 -1.75 -18.13
N CYS A 112 1.25 -2.89 -17.44
CA CYS A 112 1.96 -4.10 -17.85
C CYS A 112 1.54 -4.63 -19.21
N VAL A 113 0.25 -4.61 -19.47
CA VAL A 113 -0.36 -5.07 -20.73
C VAL A 113 0.18 -4.17 -21.86
N LEU A 114 0.25 -2.87 -21.63
CA LEU A 114 0.78 -1.93 -22.64
C LEU A 114 2.27 -2.22 -22.88
N ALA A 115 3.06 -2.37 -21.84
CA ALA A 115 4.50 -2.64 -22.02
C ALA A 115 4.67 -3.84 -22.94
N HIS A 116 3.94 -4.86 -22.63
CA HIS A 116 3.88 -6.20 -23.21
C HIS A 116 3.53 -6.13 -24.69
N HIS A 117 2.66 -5.21 -25.01
CA HIS A 117 2.17 -4.97 -26.37
C HIS A 117 3.00 -3.97 -27.15
N PHE A 118 3.46 -2.90 -26.62
CA PHE A 118 4.16 -1.83 -27.36
C PHE A 118 5.66 -1.81 -27.23
N GLY A 119 6.16 -2.88 -26.66
CA GLY A 119 7.59 -3.07 -26.43
C GLY A 119 8.33 -1.73 -26.29
N LYS A 120 9.19 -1.57 -27.28
CA LYS A 120 10.11 -0.45 -27.38
C LYS A 120 9.45 0.89 -27.44
N GLU A 121 8.20 0.91 -27.91
CA GLU A 121 7.50 2.21 -27.96
C GLU A 121 7.02 2.61 -26.55
N PHE A 122 6.97 1.63 -25.67
CA PHE A 122 6.61 1.93 -24.25
C PHE A 122 7.84 2.45 -23.52
N THR A 123 8.18 3.71 -23.77
CA THR A 123 9.41 4.32 -23.19
C THR A 123 9.24 4.73 -21.73
N PRO A 124 10.37 4.96 -21.05
CA PRO A 124 10.33 5.37 -19.64
C PRO A 124 9.40 6.54 -19.44
N PRO A 125 9.45 7.58 -20.26
CA PRO A 125 8.59 8.75 -20.09
C PRO A 125 7.13 8.45 -20.40
N VAL A 126 6.95 7.52 -21.34
CA VAL A 126 5.57 7.11 -21.67
C VAL A 126 5.04 6.28 -20.47
N GLN A 127 5.88 5.45 -19.90
CA GLN A 127 5.46 4.65 -18.72
C GLN A 127 5.08 5.58 -17.58
N ALA A 128 5.90 6.59 -17.32
CA ALA A 128 5.66 7.64 -16.31
C ALA A 128 4.31 8.33 -16.52
N ALA A 129 3.97 8.70 -17.73
CA ALA A 129 2.70 9.36 -18.09
C ALA A 129 1.54 8.44 -17.77
N TYR A 130 1.64 7.17 -18.21
CA TYR A 130 0.53 6.22 -17.98
C TYR A 130 0.37 5.91 -16.51
N GLN A 131 1.51 5.83 -15.81
CA GLN A 131 1.41 5.62 -14.35
C GLN A 131 0.57 6.73 -13.75
N LYS A 132 0.79 8.00 -14.05
CA LYS A 132 0.04 9.12 -13.52
C LYS A 132 -1.45 9.09 -13.87
N VAL A 133 -1.75 8.55 -15.04
CA VAL A 133 -3.14 8.44 -15.52
C VAL A 133 -3.88 7.31 -14.74
N VAL A 134 -3.29 6.14 -14.69
CA VAL A 134 -3.96 5.02 -13.98
C VAL A 134 -4.10 5.37 -12.50
N ALA A 135 -3.14 6.11 -11.95
CA ALA A 135 -3.27 6.53 -10.57
C ALA A 135 -4.42 7.53 -10.39
N GLY A 136 -4.60 8.42 -11.36
CA GLY A 136 -5.62 9.43 -11.36
C GLY A 136 -6.99 8.76 -11.48
N VAL A 137 -7.11 7.80 -12.38
CA VAL A 137 -8.38 7.07 -12.53
C VAL A 137 -8.72 6.26 -11.28
N ALA A 138 -7.70 5.62 -10.67
CA ALA A 138 -7.96 4.85 -9.43
C ALA A 138 -8.47 5.76 -8.31
N ASN A 139 -7.87 6.95 -8.21
CA ASN A 139 -8.29 7.88 -7.15
C ASN A 139 -9.72 8.41 -7.39
N ALA A 140 -10.05 8.57 -8.67
CA ALA A 140 -11.40 9.06 -9.07
C ALA A 140 -12.42 7.98 -8.76
N LEU A 141 -12.06 6.72 -9.04
CA LEU A 141 -12.98 5.63 -8.71
C LEU A 141 -13.20 5.44 -7.23
N ALA A 142 -12.25 5.74 -6.35
CA ALA A 142 -12.44 5.54 -4.90
C ALA A 142 -13.04 6.78 -4.22
N HIS A 143 -13.52 7.68 -5.01
CA HIS A 143 -13.98 9.00 -4.53
C HIS A 143 -15.08 8.92 -3.52
N LYS A 144 -15.97 7.96 -3.67
CA LYS A 144 -17.07 7.73 -2.77
C LYS A 144 -16.61 7.34 -1.40
N TYR A 145 -15.37 6.83 -1.33
CA TYR A 145 -14.88 6.45 0.01
C TYR A 145 -14.20 7.64 0.72
N HIS A 146 -13.89 8.72 0.04
CA HIS A 146 -13.18 9.87 0.52
C HIS A 146 -13.98 10.87 1.34
N VAL B 1 -12.64 15.10 0.46
CA VAL B 1 -13.13 14.68 1.74
C VAL B 1 -14.62 14.99 1.86
N HIS B 2 -15.35 13.94 2.15
CA HIS B 2 -16.79 14.10 2.39
C HIS B 2 -17.10 13.73 3.84
N LEU B 3 -17.46 14.81 4.50
CA LEU B 3 -17.92 14.73 5.88
C LEU B 3 -19.37 15.29 5.94
N THR B 4 -20.17 14.49 6.61
CA THR B 4 -21.54 14.88 6.97
C THR B 4 -21.32 15.96 8.05
N PRO B 5 -22.36 16.73 8.30
CA PRO B 5 -22.28 17.82 9.31
C PRO B 5 -22.05 17.23 10.69
N GLU B 6 -22.70 16.07 10.86
CA GLU B 6 -22.57 15.37 12.14
C GLU B 6 -21.09 15.08 12.36
N GLU B 7 -20.46 14.52 11.35
CA GLU B 7 -19.03 14.20 11.42
C GLU B 7 -18.19 15.47 11.62
N LYS B 8 -18.44 16.46 10.80
CA LYS B 8 -17.73 17.74 10.84
C LYS B 8 -17.70 18.29 12.26
N SER B 9 -18.87 18.31 12.89
CA SER B 9 -19.00 18.84 14.26
C SER B 9 -18.29 18.02 15.30
N ALA B 10 -18.29 16.71 15.14
CA ALA B 10 -17.61 15.79 16.09
C ALA B 10 -16.09 15.96 15.97
N VAL B 11 -15.66 16.20 14.75
CA VAL B 11 -14.26 16.37 14.36
C VAL B 11 -13.70 17.69 14.90
N THR B 12 -14.38 18.78 14.58
CA THR B 12 -13.90 20.11 15.08
C THR B 12 -14.03 20.24 16.57
N ALA B 13 -15.09 19.74 17.17
CA ALA B 13 -15.26 19.72 18.60
C ALA B 13 -14.05 19.04 19.27
N LEU B 14 -13.64 17.86 18.75
CA LEU B 14 -12.54 17.17 19.42
C LEU B 14 -11.19 17.88 19.22
N TRP B 15 -11.05 18.42 18.03
CA TRP B 15 -9.77 19.08 17.66
C TRP B 15 -9.49 20.23 18.64
N GLY B 16 -10.58 20.77 19.15
CA GLY B 16 -10.58 21.88 20.10
C GLY B 16 -10.02 21.50 21.45
N LYS B 17 -9.94 20.24 21.77
CA LYS B 17 -9.40 19.83 23.07
C LYS B 17 -8.00 19.30 22.93
N VAL B 18 -7.47 19.37 21.71
CA VAL B 18 -6.10 18.88 21.48
C VAL B 18 -5.10 19.85 22.14
N ASN B 19 -4.17 19.30 22.87
CA ASN B 19 -3.00 19.97 23.44
C ASN B 19 -2.05 20.24 22.22
N VAL B 20 -2.25 21.37 21.65
CA VAL B 20 -1.56 21.92 20.49
C VAL B 20 -0.04 21.73 20.56
N ASP B 21 0.52 22.04 21.70
CA ASP B 21 1.94 21.97 22.03
C ASP B 21 2.50 20.55 22.23
N GLU B 22 1.65 19.55 22.37
CA GLU B 22 2.16 18.21 22.70
C GLU B 22 1.85 17.13 21.70
N VAL B 23 0.62 17.01 21.25
CA VAL B 23 0.21 15.95 20.30
C VAL B 23 1.10 15.89 19.06
N GLY B 24 1.55 17.06 18.59
CA GLY B 24 2.39 17.17 17.40
C GLY B 24 3.73 16.48 17.45
N GLY B 25 4.43 16.69 18.53
CA GLY B 25 5.73 16.14 18.88
C GLY B 25 5.58 14.65 19.13
N GLU B 26 4.45 14.28 19.74
CA GLU B 26 4.18 12.85 20.00
C GLU B 26 4.01 12.04 18.69
N ALA B 27 3.19 12.61 17.81
CA ALA B 27 2.92 12.06 16.48
C ALA B 27 4.20 11.90 15.68
N LEU B 28 4.94 13.00 15.60
CA LEU B 28 6.19 12.99 14.81
C LEU B 28 7.18 12.00 15.41
N GLY B 29 7.33 12.08 16.72
CA GLY B 29 8.25 11.16 17.42
C GLY B 29 7.88 9.70 17.20
N ARG B 30 6.60 9.39 17.32
CA ARG B 30 6.16 7.98 17.10
C ARG B 30 6.35 7.58 15.66
N LEU B 31 6.21 8.49 14.68
CA LEU B 31 6.50 8.19 13.29
C LEU B 31 7.97 7.69 13.19
N LEU B 32 8.88 8.46 13.75
CA LEU B 32 10.31 8.12 13.68
C LEU B 32 10.68 6.84 14.37
N VAL B 33 9.99 6.51 15.43
CA VAL B 33 10.24 5.27 16.21
C VAL B 33 9.62 4.07 15.53
N VAL B 34 8.36 4.16 15.15
CA VAL B 34 7.62 3.06 14.52
C VAL B 34 8.01 2.72 13.10
N TYR B 35 8.29 3.68 12.27
CA TYR B 35 8.69 3.50 10.83
C TYR B 35 10.06 4.14 10.66
N PRO B 36 11.09 3.43 11.09
CA PRO B 36 12.42 3.95 11.21
C PRO B 36 13.04 4.52 10.00
N TRP B 37 12.66 4.10 8.83
CA TRP B 37 13.23 4.68 7.60
C TRP B 37 12.95 6.16 7.45
N THR B 38 11.97 6.71 8.13
CA THR B 38 11.60 8.14 8.03
C THR B 38 12.63 9.04 8.71
N GLN B 39 13.50 8.40 9.50
CA GLN B 39 14.62 9.07 10.22
C GLN B 39 15.59 9.69 9.23
N ARG B 40 15.72 9.09 8.07
CA ARG B 40 16.57 9.67 6.99
C ARG B 40 16.23 11.10 6.64
N PHE B 41 15.00 11.58 6.78
CA PHE B 41 14.61 12.94 6.47
C PHE B 41 14.96 13.94 7.57
N PHE B 42 15.27 13.48 8.76
CA PHE B 42 15.46 14.37 9.94
C PHE B 42 16.83 14.18 10.58
N GLU B 43 17.75 13.61 9.81
CA GLU B 43 19.13 13.33 10.24
C GLU B 43 19.85 14.57 10.78
N SER B 44 19.53 15.76 10.31
CA SER B 44 19.99 17.04 10.82
C SER B 44 19.33 17.46 12.16
N PHE B 45 18.34 16.76 12.70
CA PHE B 45 17.66 17.13 13.93
C PHE B 45 18.46 16.68 15.18
N GLY B 46 19.44 15.89 14.82
CA GLY B 46 20.38 15.31 15.74
C GLY B 46 20.25 13.81 15.94
N ASP B 47 20.32 13.44 17.21
CA ASP B 47 20.29 12.04 17.65
C ASP B 47 18.85 11.52 17.73
N LEU B 48 18.70 10.48 16.95
CA LEU B 48 17.43 9.77 16.73
C LEU B 48 17.75 8.27 16.88
N SER B 49 18.86 8.07 17.59
CA SER B 49 19.39 6.70 17.77
C SER B 49 18.42 5.83 18.56
N THR B 50 17.73 6.50 19.48
CA THR B 50 16.83 5.67 20.31
C THR B 50 15.52 6.37 20.50
N PRO B 51 14.53 5.56 20.89
CA PRO B 51 13.16 6.04 21.15
C PRO B 51 13.19 7.17 22.15
N ASP B 52 14.04 6.90 23.14
CA ASP B 52 14.21 7.93 24.22
C ASP B 52 14.86 9.19 23.63
N ALA B 53 15.85 8.95 22.78
CA ALA B 53 16.57 9.99 22.06
C ALA B 53 15.56 10.77 21.21
N VAL B 54 14.72 10.04 20.49
CA VAL B 54 13.71 10.66 19.60
C VAL B 54 12.67 11.48 20.35
N MET B 55 12.07 10.78 21.34
CA MET B 55 10.97 11.38 22.10
C MET B 55 11.46 12.59 22.91
N GLY B 56 12.72 12.59 23.18
CA GLY B 56 13.42 13.61 23.94
C GLY B 56 13.79 14.82 23.12
N ASN B 57 14.10 14.55 21.87
CA ASN B 57 14.55 15.60 20.93
C ASN B 57 13.66 16.80 20.86
N PRO B 58 14.26 17.95 21.19
CA PRO B 58 13.57 19.24 21.21
C PRO B 58 13.32 19.79 19.82
N LYS B 59 14.03 19.28 18.86
CA LYS B 59 13.84 19.71 17.45
C LYS B 59 12.54 19.08 16.92
N VAL B 60 12.37 17.82 17.27
CA VAL B 60 11.22 16.95 17.00
C VAL B 60 9.97 17.56 17.60
N LYS B 61 10.08 17.95 18.88
CA LYS B 61 8.89 18.56 19.52
C LYS B 61 8.49 19.85 18.85
N ALA B 62 9.46 20.69 18.55
CA ALA B 62 9.20 21.98 17.90
C ALA B 62 8.61 21.77 16.51
N HIS B 63 9.25 20.85 15.81
CA HIS B 63 8.74 20.55 14.45
C HIS B 63 7.34 19.94 14.50
N GLY B 64 7.03 19.16 15.53
CA GLY B 64 5.70 18.52 15.62
C GLY B 64 4.63 19.57 15.71
N LYS B 65 4.99 20.68 16.37
CA LYS B 65 4.07 21.81 16.60
C LYS B 65 3.64 22.44 15.29
N LYS B 66 4.56 22.56 14.37
CA LYS B 66 4.35 23.11 13.03
C LYS B 66 3.48 22.19 12.19
N VAL B 67 3.78 20.89 12.28
CA VAL B 67 2.98 19.88 11.54
C VAL B 67 1.51 19.96 11.93
N LEU B 68 1.29 19.94 13.26
CA LEU B 68 -0.06 20.00 13.80
C LEU B 68 -0.74 21.32 13.37
N GLY B 69 0.04 22.38 13.31
CA GLY B 69 -0.41 23.69 12.84
C GLY B 69 -0.96 23.56 11.42
N ALA B 70 -0.26 22.84 10.57
CA ALA B 70 -0.69 22.56 9.19
C ALA B 70 -1.93 21.73 9.20
N PHE B 71 -2.04 20.76 10.10
CA PHE B 71 -3.26 19.95 10.17
C PHE B 71 -4.45 20.80 10.52
N SER B 72 -4.31 21.75 11.44
CA SER B 72 -5.48 22.59 11.82
C SER B 72 -5.93 23.41 10.61
N ASP B 73 -4.94 23.82 9.83
CA ASP B 73 -5.29 24.57 8.61
C ASP B 73 -6.18 23.71 7.69
N GLY B 74 -5.75 22.48 7.44
CA GLY B 74 -6.53 21.58 6.56
C GLY B 74 -7.94 21.42 7.12
N LEU B 75 -8.04 21.14 8.43
CA LEU B 75 -9.35 20.99 9.10
C LEU B 75 -10.26 22.21 8.88
N ALA B 76 -9.67 23.39 8.93
CA ALA B 76 -10.39 24.64 8.73
C ALA B 76 -10.78 24.83 7.28
N HIS B 77 -10.19 24.13 6.35
CA HIS B 77 -10.42 24.28 4.92
C HIS B 77 -10.55 22.96 4.19
N LEU B 78 -11.49 22.14 4.62
CA LEU B 78 -11.74 20.81 4.03
C LEU B 78 -12.12 20.84 2.56
N ASP B 79 -12.71 21.95 2.15
CA ASP B 79 -13.16 22.24 0.79
C ASP B 79 -12.03 22.77 -0.10
N ASN B 80 -10.86 23.00 0.49
CA ASN B 80 -9.76 23.56 -0.35
C ASN B 80 -8.46 22.97 0.13
N LEU B 81 -8.35 21.64 0.28
CA LEU B 81 -7.05 21.12 0.77
C LEU B 81 -5.91 21.33 -0.17
N LYS B 82 -6.14 21.20 -1.45
CA LYS B 82 -5.09 21.35 -2.46
C LYS B 82 -4.54 22.78 -2.39
N GLY B 83 -5.41 23.79 -2.34
CA GLY B 83 -4.82 25.15 -2.28
C GLY B 83 -4.10 25.40 -0.97
N THR B 84 -4.73 24.96 0.12
CA THR B 84 -4.24 25.10 1.50
C THR B 84 -2.83 24.53 1.64
N PHE B 85 -2.55 23.42 0.96
CA PHE B 85 -1.26 22.73 1.03
C PHE B 85 -0.37 22.91 -0.17
N ALA B 86 -0.70 23.85 -1.04
CA ALA B 86 0.08 24.12 -2.28
C ALA B 86 1.57 24.24 -2.05
N THR B 87 1.92 25.21 -1.22
CA THR B 87 3.37 25.43 -0.95
C THR B 87 4.01 24.26 -0.21
N LEU B 88 3.30 23.68 0.77
CA LEU B 88 3.85 22.53 1.52
C LEU B 88 4.02 21.35 0.56
N SER B 89 3.16 21.22 -0.45
CA SER B 89 3.31 20.11 -1.42
C SER B 89 4.58 20.29 -2.23
N GLU B 90 4.82 21.55 -2.65
CA GLU B 90 6.06 21.77 -3.43
C GLU B 90 7.29 21.51 -2.54
N LEU B 91 7.28 21.92 -1.28
CA LEU B 91 8.42 21.62 -0.40
C LEU B 91 8.70 20.11 -0.27
N HIS B 92 7.66 19.41 0.17
CA HIS B 92 7.85 17.95 0.44
C HIS B 92 8.13 17.12 -0.78
N CYS B 93 7.51 17.39 -1.92
CA CYS B 93 7.68 16.59 -3.12
C CYS B 93 8.91 17.02 -3.93
N ASP B 94 8.82 18.25 -4.40
CA ASP B 94 9.87 18.81 -5.24
C ASP B 94 11.19 18.98 -4.54
N LYS B 95 11.15 19.57 -3.36
CA LYS B 95 12.39 19.85 -2.65
C LYS B 95 12.90 18.69 -1.83
N LEU B 96 12.02 18.12 -1.02
CA LEU B 96 12.47 17.05 -0.15
C LEU B 96 12.31 15.65 -0.72
N HIS B 97 11.53 15.41 -1.72
CA HIS B 97 11.30 14.07 -2.28
C HIS B 97 10.80 13.03 -1.25
N VAL B 98 9.86 13.44 -0.40
CA VAL B 98 9.29 12.47 0.58
C VAL B 98 8.37 11.50 -0.23
N ASP B 99 8.53 10.19 -0.04
CA ASP B 99 7.67 9.16 -0.68
C ASP B 99 6.26 9.45 -0.18
N PRO B 100 5.31 9.48 -1.10
CA PRO B 100 3.93 9.72 -0.72
C PRO B 100 3.40 8.74 0.32
N GLU B 101 3.88 7.52 0.43
CA GLU B 101 3.34 6.56 1.44
C GLU B 101 3.57 7.04 2.83
N ASN B 102 4.62 7.87 2.96
CA ASN B 102 4.98 8.41 4.31
C ASN B 102 3.98 9.44 4.80
N PHE B 103 3.36 10.13 3.87
CA PHE B 103 2.29 11.10 4.29
C PHE B 103 1.14 10.33 4.94
N ARG B 104 0.81 9.16 4.40
CA ARG B 104 -0.20 8.22 4.82
C ARG B 104 0.15 7.68 6.22
N LEU B 105 1.43 7.31 6.39
CA LEU B 105 1.85 6.78 7.68
C LEU B 105 1.75 7.82 8.79
N LEU B 106 2.10 9.07 8.47
CA LEU B 106 2.01 10.14 9.48
C LEU B 106 0.54 10.35 9.87
N GLY B 107 -0.34 10.38 8.93
CA GLY B 107 -1.80 10.54 9.19
C GLY B 107 -2.28 9.42 10.10
N ASN B 108 -1.84 8.22 9.81
CA ASN B 108 -2.19 7.01 10.61
C ASN B 108 -1.65 7.09 12.02
N VAL B 109 -0.43 7.56 12.20
CA VAL B 109 0.15 7.73 13.55
C VAL B 109 -0.66 8.79 14.30
N LEU B 110 -1.08 9.83 13.61
CA LEU B 110 -1.86 10.92 14.22
C LEU B 110 -3.18 10.37 14.76
N VAL B 111 -3.84 9.60 13.95
CA VAL B 111 -5.12 9.02 14.41
C VAL B 111 -4.90 8.18 15.64
N CYS B 112 -3.83 7.39 15.66
CA CYS B 112 -3.49 6.57 16.83
C CYS B 112 -3.20 7.42 18.09
N VAL B 113 -2.56 8.58 17.90
CA VAL B 113 -2.22 9.49 19.02
C VAL B 113 -3.52 10.08 19.56
N LEU B 114 -4.48 10.38 18.68
CA LEU B 114 -5.77 10.92 19.15
C LEU B 114 -6.51 9.88 19.99
N ALA B 115 -6.46 8.65 19.50
CA ALA B 115 -7.12 7.53 20.19
C ALA B 115 -6.58 7.38 21.62
N HIS B 116 -5.27 7.48 21.70
CA HIS B 116 -4.40 7.33 22.85
C HIS B 116 -4.62 8.42 23.88
N HIS B 117 -5.06 9.55 23.41
CA HIS B 117 -5.39 10.75 24.16
C HIS B 117 -6.82 10.80 24.61
N PHE B 118 -7.73 10.61 23.69
CA PHE B 118 -9.17 10.79 23.92
C PHE B 118 -9.91 9.59 24.45
N GLY B 119 -9.23 8.44 24.50
CA GLY B 119 -9.94 7.24 25.01
C GLY B 119 -11.30 7.25 24.30
N LYS B 120 -12.34 7.21 25.11
CA LYS B 120 -13.74 7.12 24.85
C LYS B 120 -14.37 8.19 24.00
N GLU B 121 -13.72 9.33 23.96
CA GLU B 121 -14.44 10.34 23.11
C GLU B 121 -14.22 9.94 21.66
N PHE B 122 -13.17 9.12 21.52
CA PHE B 122 -12.76 8.59 20.19
C PHE B 122 -13.59 7.37 19.77
N THR B 123 -14.83 7.66 19.43
CA THR B 123 -15.81 6.60 19.02
C THR B 123 -15.58 6.19 17.57
N PRO B 124 -16.15 5.07 17.13
CA PRO B 124 -15.96 4.57 15.76
C PRO B 124 -16.25 5.59 14.71
N PRO B 125 -17.35 6.33 14.78
CA PRO B 125 -17.66 7.36 13.75
C PRO B 125 -16.66 8.50 13.80
N VAL B 126 -16.11 8.85 14.95
CA VAL B 126 -15.09 9.91 15.00
C VAL B 126 -13.83 9.39 14.29
N GLN B 127 -13.49 8.17 14.62
CA GLN B 127 -12.26 7.56 13.98
C GLN B 127 -12.46 7.51 12.48
N ALA B 128 -13.66 7.13 12.05
CA ALA B 128 -13.87 7.09 10.59
C ALA B 128 -13.70 8.45 9.95
N ALA B 129 -14.21 9.49 10.60
CA ALA B 129 -14.14 10.89 10.11
C ALA B 129 -12.68 11.35 10.02
N TYR B 130 -11.94 11.14 11.10
CA TYR B 130 -10.52 11.44 11.16
C TYR B 130 -9.71 10.72 10.08
N GLN B 131 -9.97 9.46 9.83
CA GLN B 131 -9.32 8.67 8.78
C GLN B 131 -9.57 9.35 7.44
N LYS B 132 -10.75 9.86 7.14
CA LYS B 132 -11.04 10.55 5.86
C LYS B 132 -10.28 11.90 5.80
N VAL B 133 -10.16 12.57 6.92
CA VAL B 133 -9.40 13.81 6.92
C VAL B 133 -7.92 13.55 6.65
N VAL B 134 -7.31 12.60 7.32
CA VAL B 134 -5.88 12.34 7.15
C VAL B 134 -5.53 11.90 5.76
N ALA B 135 -6.44 11.12 5.18
CA ALA B 135 -6.24 10.64 3.81
C ALA B 135 -6.29 11.81 2.80
N GLY B 136 -7.20 12.71 3.09
CA GLY B 136 -7.37 13.90 2.26
C GLY B 136 -6.15 14.80 2.39
N VAL B 137 -5.59 14.96 3.58
CA VAL B 137 -4.38 15.80 3.75
C VAL B 137 -3.23 15.10 3.04
N ALA B 138 -3.11 13.78 3.20
CA ALA B 138 -1.95 13.09 2.54
C ALA B 138 -2.01 13.24 1.04
N ASN B 139 -3.20 13.11 0.49
CA ASN B 139 -3.42 13.24 -0.94
C ASN B 139 -3.08 14.67 -1.45
N ALA B 140 -3.43 15.66 -0.63
CA ALA B 140 -3.17 17.08 -0.98
C ALA B 140 -1.69 17.33 -0.93
N LEU B 141 -0.99 16.77 0.05
CA LEU B 141 0.45 16.90 0.15
C LEU B 141 1.18 16.26 -1.03
N ALA B 142 0.63 15.20 -1.58
CA ALA B 142 1.26 14.46 -2.66
C ALA B 142 0.93 14.95 -4.07
N HIS B 143 0.14 15.99 -4.12
CA HIS B 143 -0.38 16.60 -5.31
C HIS B 143 0.66 16.85 -6.38
N LYS B 144 1.87 17.20 -5.97
CA LYS B 144 2.97 17.47 -6.91
C LYS B 144 3.44 16.24 -7.66
N TYR B 145 3.04 15.08 -7.16
CA TYR B 145 3.42 13.83 -7.83
C TYR B 145 2.34 13.37 -8.76
N HIS B 146 1.19 14.04 -8.70
CA HIS B 146 0.07 13.59 -9.54
C HIS B 146 0.08 14.00 -11.01
N VAL C 1 9.19 -12.12 12.70
CA VAL C 1 9.13 -11.01 13.64
C VAL C 1 10.32 -11.04 14.61
N HIS C 2 11.00 -9.92 14.70
CA HIS C 2 12.13 -9.82 15.63
C HIS C 2 11.82 -8.77 16.70
N LEU C 3 11.71 -9.30 17.91
CA LEU C 3 11.46 -8.41 19.08
C LEU C 3 12.70 -8.48 19.98
N THR C 4 13.13 -7.36 20.50
CA THR C 4 14.28 -7.53 21.48
C THR C 4 13.66 -8.06 22.74
N PRO C 5 14.43 -8.50 23.72
CA PRO C 5 13.83 -8.99 24.97
C PRO C 5 13.00 -7.93 25.67
N GLU C 6 13.34 -6.68 25.57
CA GLU C 6 12.61 -5.58 26.24
C GLU C 6 11.26 -5.39 25.54
N GLU C 7 11.28 -5.56 24.21
CA GLU C 7 10.03 -5.50 23.40
C GLU C 7 9.14 -6.67 23.75
N LYS C 8 9.67 -7.88 23.70
CA LYS C 8 8.85 -9.04 24.03
C LYS C 8 8.20 -8.94 25.39
N SER C 9 8.93 -8.50 26.43
CA SER C 9 8.43 -8.38 27.80
C SER C 9 7.29 -7.38 27.92
N ALA C 10 7.47 -6.22 27.30
CA ALA C 10 6.44 -5.16 27.34
C ALA C 10 5.23 -5.60 26.55
N VAL C 11 5.40 -6.20 25.39
CA VAL C 11 4.27 -6.68 24.57
C VAL C 11 3.40 -7.70 25.31
N THR C 12 4.12 -8.67 25.90
CA THR C 12 3.42 -9.77 26.62
C THR C 12 2.79 -9.22 27.88
N ALA C 13 3.36 -8.29 28.61
CA ALA C 13 2.74 -7.74 29.83
C ALA C 13 1.46 -7.01 29.48
N LEU C 14 1.53 -6.25 28.36
CA LEU C 14 0.30 -5.50 27.98
C LEU C 14 -0.83 -6.40 27.55
N TRP C 15 -0.48 -7.43 26.77
CA TRP C 15 -1.46 -8.36 26.27
C TRP C 15 -2.21 -9.04 27.42
N GLY C 16 -1.52 -9.28 28.52
CA GLY C 16 -2.21 -9.96 29.66
C GLY C 16 -3.25 -9.09 30.34
N LYS C 17 -3.28 -7.81 30.08
CA LYS C 17 -4.24 -6.88 30.67
C LYS C 17 -5.46 -6.62 29.78
N VAL C 18 -5.44 -7.18 28.58
CA VAL C 18 -6.48 -7.01 27.58
C VAL C 18 -7.72 -7.82 27.97
N ASN C 19 -8.86 -7.16 27.84
CA ASN C 19 -10.16 -7.88 28.10
C ASN C 19 -10.55 -8.48 26.72
N VAL C 20 -10.36 -9.76 26.58
CA VAL C 20 -10.61 -10.49 25.31
C VAL C 20 -12.04 -10.43 24.80
N ASP C 21 -12.90 -10.57 25.79
CA ASP C 21 -14.35 -10.56 25.55
C ASP C 21 -14.75 -9.25 24.89
N GLU C 22 -13.97 -8.21 25.08
CA GLU C 22 -14.29 -6.87 24.59
C GLU C 22 -13.45 -6.29 23.47
N VAL C 23 -12.14 -6.27 23.50
CA VAL C 23 -11.26 -5.67 22.50
C VAL C 23 -11.43 -6.28 21.10
N GLY C 24 -11.72 -7.57 20.99
CA GLY C 24 -11.84 -8.20 19.68
C GLY C 24 -13.06 -7.66 18.92
N GLY C 25 -14.17 -7.48 19.59
CA GLY C 25 -15.39 -6.92 18.98
C GLY C 25 -15.18 -5.48 18.54
N GLU C 26 -14.50 -4.73 19.42
CA GLU C 26 -14.12 -3.32 19.20
C GLU C 26 -13.23 -3.20 17.97
N ALA C 27 -12.22 -4.07 17.83
CA ALA C 27 -11.34 -4.05 16.66
C ALA C 27 -12.06 -4.45 15.39
N LEU C 28 -12.78 -5.59 15.40
CA LEU C 28 -13.50 -5.99 14.18
C LEU C 28 -14.54 -4.96 13.79
N GLY C 29 -15.25 -4.43 14.79
CA GLY C 29 -16.33 -3.46 14.48
C GLY C 29 -15.75 -2.24 13.93
N ARG C 30 -14.66 -1.71 14.49
CA ARG C 30 -14.07 -0.45 13.91
C ARG C 30 -13.56 -0.62 12.51
N LEU C 31 -13.04 -1.85 12.22
CA LEU C 31 -12.64 -2.16 10.86
C LEU C 31 -13.81 -1.92 9.87
N LEU C 32 -14.94 -2.47 10.23
CA LEU C 32 -16.15 -2.44 9.36
C LEU C 32 -16.68 -1.03 9.17
N VAL C 33 -16.52 -0.20 10.21
CA VAL C 33 -17.03 1.18 10.12
C VAL C 33 -16.06 2.05 9.36
N VAL C 34 -14.78 1.96 9.73
CA VAL C 34 -13.74 2.85 9.10
C VAL C 34 -13.38 2.46 7.69
N TYR C 35 -13.40 1.17 7.39
CA TYR C 35 -12.99 0.67 6.00
C TYR C 35 -14.16 -0.17 5.53
N PRO C 36 -15.18 0.53 5.06
CA PRO C 36 -16.48 -0.06 4.80
C PRO C 36 -16.58 -1.12 3.75
N TRP C 37 -15.63 -1.18 2.86
CA TRP C 37 -15.69 -2.29 1.86
C TRP C 37 -15.53 -3.63 2.57
N THR C 38 -15.00 -3.66 3.78
CA THR C 38 -14.77 -4.95 4.47
C THR C 38 -16.07 -5.64 4.87
N GLN C 39 -17.14 -4.88 4.89
CA GLN C 39 -18.46 -5.41 5.25
C GLN C 39 -18.87 -6.51 4.26
N ARG C 40 -18.43 -6.39 3.04
CA ARG C 40 -18.86 -7.41 2.04
C ARG C 40 -18.51 -8.80 2.47
N PHE C 41 -17.47 -9.06 3.23
CA PHE C 41 -17.09 -10.42 3.62
C PHE C 41 -18.01 -10.99 4.69
N PHE C 42 -18.70 -10.22 5.48
CA PHE C 42 -19.51 -10.69 6.63
C PHE C 42 -20.99 -10.80 6.24
N GLU C 43 -21.13 -11.80 5.39
CA GLU C 43 -22.30 -12.27 4.68
C GLU C 43 -23.47 -12.70 5.52
N SER C 44 -23.24 -13.35 6.65
CA SER C 44 -24.35 -13.74 7.50
C SER C 44 -24.54 -12.86 8.71
N PHE C 45 -23.85 -11.75 8.87
CA PHE C 45 -23.97 -10.96 10.14
C PHE C 45 -25.19 -10.08 10.22
N GLY C 46 -25.87 -9.82 9.12
CA GLY C 46 -27.07 -8.98 9.19
C GLY C 46 -26.78 -7.51 8.88
N ASP C 47 -27.45 -6.64 9.63
CA ASP C 47 -27.36 -5.20 9.42
C ASP C 47 -26.02 -4.64 9.90
N LEU C 48 -25.32 -4.01 8.98
CA LEU C 48 -24.01 -3.41 9.25
C LEU C 48 -24.06 -1.98 8.63
N SER C 49 -25.26 -1.45 8.62
CA SER C 49 -25.63 -0.18 8.03
C SER C 49 -25.29 1.07 8.81
N THR C 50 -25.14 0.98 10.10
CA THR C 50 -24.78 2.16 10.90
C THR C 50 -23.72 1.68 11.91
N PRO C 51 -22.97 2.66 12.43
CA PRO C 51 -21.94 2.33 13.40
C PRO C 51 -22.54 1.55 14.54
N ASP C 52 -23.71 2.00 15.04
CA ASP C 52 -24.27 1.22 16.18
C ASP C 52 -24.80 -0.12 15.61
N ALA C 53 -25.21 -0.15 14.36
CA ALA C 53 -25.66 -1.50 13.85
C ALA C 53 -24.45 -2.44 13.92
N VAL C 54 -23.30 -1.89 13.56
CA VAL C 54 -22.06 -2.69 13.60
C VAL C 54 -21.54 -3.00 14.98
N MET C 55 -21.31 -1.95 15.78
CA MET C 55 -20.63 -2.15 17.07
C MET C 55 -21.37 -3.06 18.03
N GLY C 56 -22.69 -2.94 18.10
CA GLY C 56 -23.40 -3.82 19.09
C GLY C 56 -23.89 -5.11 18.45
N ASN C 57 -23.53 -5.35 17.18
CA ASN C 57 -23.98 -6.59 16.51
C ASN C 57 -23.44 -7.78 17.26
N PRO C 58 -24.32 -8.63 17.79
CA PRO C 58 -23.90 -9.80 18.59
C PRO C 58 -22.93 -10.69 17.84
N LYS C 59 -23.14 -10.81 16.54
CA LYS C 59 -22.22 -11.70 15.78
C LYS C 59 -20.86 -11.05 15.61
N VAL C 60 -20.79 -9.73 15.51
CA VAL C 60 -19.50 -9.03 15.40
C VAL C 60 -18.74 -9.25 16.70
N LYS C 61 -19.46 -9.11 17.83
CA LYS C 61 -18.81 -9.28 19.14
C LYS C 61 -18.31 -10.68 19.35
N ALA C 62 -19.11 -11.66 18.96
CA ALA C 62 -18.68 -13.07 19.17
C ALA C 62 -17.51 -13.41 18.28
N HIS C 63 -17.61 -12.92 17.05
CA HIS C 63 -16.56 -13.17 16.05
C HIS C 63 -15.26 -12.48 16.45
N GLY C 64 -15.32 -11.26 16.97
CA GLY C 64 -14.14 -10.51 17.40
C GLY C 64 -13.36 -11.27 18.45
N LYS C 65 -14.05 -11.96 19.34
CA LYS C 65 -13.31 -12.71 20.36
C LYS C 65 -12.63 -13.89 19.71
N LYS C 66 -13.12 -14.48 18.61
CA LYS C 66 -12.34 -15.57 17.98
C LYS C 66 -11.10 -15.04 17.31
N VAL C 67 -11.16 -13.86 16.75
CA VAL C 67 -10.01 -13.20 16.09
C VAL C 67 -8.91 -12.93 17.11
N LEU C 68 -9.39 -12.42 18.25
CA LEU C 68 -8.50 -12.11 19.36
C LEU C 68 -7.79 -13.36 19.87
N GLY C 69 -8.55 -14.47 19.95
CA GLY C 69 -7.91 -15.74 20.36
C GLY C 69 -6.76 -16.14 19.46
N ALA C 70 -6.95 -15.98 18.17
CA ALA C 70 -5.93 -16.29 17.13
C ALA C 70 -4.73 -15.39 17.25
N PHE C 71 -4.94 -14.09 17.52
CA PHE C 71 -3.83 -13.18 17.75
C PHE C 71 -3.00 -13.67 18.95
N SER C 72 -3.70 -14.06 20.03
CA SER C 72 -2.98 -14.55 21.22
C SER C 72 -2.09 -15.73 20.82
N ASP C 73 -2.68 -16.61 20.03
CA ASP C 73 -1.86 -17.72 19.53
C ASP C 73 -0.60 -17.23 18.84
N GLY C 74 -0.77 -16.19 18.02
CA GLY C 74 0.32 -15.63 17.29
C GLY C 74 1.41 -15.16 18.25
N LEU C 75 1.00 -14.39 19.23
CA LEU C 75 1.98 -13.81 20.17
C LEU C 75 2.75 -14.91 20.90
N ALA C 76 2.04 -16.01 21.17
CA ALA C 76 2.71 -17.08 21.89
C ALA C 76 3.63 -17.87 20.96
N HIS C 77 3.65 -17.66 19.70
CA HIS C 77 4.46 -18.44 18.74
C HIS C 77 5.09 -17.59 17.70
N LEU C 78 5.80 -16.57 18.12
CA LEU C 78 6.39 -15.62 17.15
C LEU C 78 7.38 -16.30 16.24
N ASP C 79 7.96 -17.38 16.73
CA ASP C 79 8.95 -18.14 15.98
C ASP C 79 8.27 -19.03 14.94
N ASN C 80 6.96 -19.18 15.01
CA ASN C 80 6.34 -20.08 14.00
C ASN C 80 5.02 -19.50 13.53
N LEU C 81 4.94 -18.29 13.00
CA LEU C 81 3.61 -17.75 12.60
C LEU C 81 3.00 -18.44 11.40
N LYS C 82 3.85 -18.75 10.41
CA LYS C 82 3.24 -19.39 9.23
C LYS C 82 2.56 -20.69 9.63
N GLY C 83 3.21 -21.49 10.47
CA GLY C 83 2.69 -22.81 10.87
C GLY C 83 1.47 -22.69 11.73
N THR C 84 1.57 -21.79 12.69
CA THR C 84 0.45 -21.48 13.59
C THR C 84 -0.83 -21.08 12.85
N PHE C 85 -0.71 -20.28 11.79
CA PHE C 85 -1.86 -19.78 11.04
C PHE C 85 -2.10 -20.51 9.73
N ALA C 86 -1.51 -21.71 9.63
CA ALA C 86 -1.63 -22.49 8.39
C ALA C 86 -3.04 -22.72 7.95
N THR C 87 -3.90 -23.25 8.80
CA THR C 87 -5.32 -23.50 8.43
C THR C 87 -6.10 -22.21 8.35
N LEU C 88 -5.75 -21.21 9.14
CA LEU C 88 -6.48 -19.91 8.98
C LEU C 88 -6.08 -19.28 7.63
N SER C 89 -4.85 -19.47 7.21
CA SER C 89 -4.39 -18.89 5.91
C SER C 89 -5.15 -19.52 4.81
N GLU C 90 -5.29 -20.86 4.85
CA GLU C 90 -6.05 -21.47 3.72
C GLU C 90 -7.50 -21.05 3.76
N LEU C 91 -8.14 -20.97 4.94
CA LEU C 91 -9.51 -20.48 4.98
C LEU C 91 -9.60 -19.05 4.33
N HIS C 92 -8.78 -18.12 4.83
CA HIS C 92 -8.93 -16.72 4.38
C HIS C 92 -8.53 -16.51 2.93
N CYS C 93 -7.52 -17.26 2.49
CA CYS C 93 -7.03 -17.05 1.12
C CYS C 93 -7.85 -17.88 0.11
N ASP C 94 -7.80 -19.18 0.32
CA ASP C 94 -8.38 -20.18 -0.60
C ASP C 94 -9.88 -20.20 -0.72
N LYS C 95 -10.54 -20.11 0.39
CA LYS C 95 -11.95 -20.11 0.56
C LYS C 95 -12.60 -18.75 0.56
N LEU C 96 -12.13 -17.84 1.42
CA LEU C 96 -12.80 -16.53 1.49
C LEU C 96 -12.21 -15.53 0.52
N HIS C 97 -10.98 -15.69 0.07
CA HIS C 97 -10.44 -14.68 -0.87
C HIS C 97 -10.37 -13.26 -0.29
N VAL C 98 -9.92 -13.18 0.95
CA VAL C 98 -9.72 -11.87 1.57
C VAL C 98 -8.49 -11.24 0.95
N ASP C 99 -8.57 -10.00 0.52
CA ASP C 99 -7.38 -9.30 -0.05
C ASP C 99 -6.38 -9.19 1.11
N PRO C 100 -5.13 -9.36 0.75
CA PRO C 100 -4.04 -9.26 1.75
C PRO C 100 -3.97 -7.94 2.44
N GLU C 101 -4.30 -6.84 1.75
CA GLU C 101 -4.32 -5.48 2.35
C GLU C 101 -5.26 -5.43 3.52
N ASN C 102 -6.32 -6.24 3.44
CA ASN C 102 -7.28 -6.22 4.55
C ASN C 102 -6.71 -6.75 5.87
N PHE C 103 -5.78 -7.67 5.83
CA PHE C 103 -5.14 -8.28 6.97
C PHE C 103 -4.34 -7.16 7.63
N ARG C 104 -3.73 -6.36 6.78
CA ARG C 104 -2.97 -5.20 7.27
C ARG C 104 -3.87 -4.18 7.94
N LEU C 105 -4.99 -3.82 7.36
CA LEU C 105 -5.92 -2.87 7.97
C LEU C 105 -6.38 -3.32 9.35
N LEU C 106 -6.74 -4.59 9.48
CA LEU C 106 -7.20 -5.09 10.77
C LEU C 106 -6.07 -4.96 11.81
N GLY C 107 -4.86 -5.29 11.43
CA GLY C 107 -3.68 -5.14 12.33
C GLY C 107 -3.62 -3.66 12.75
N ASN C 108 -3.78 -2.75 11.83
CA ASN C 108 -3.66 -1.28 12.14
C ASN C 108 -4.77 -0.84 13.06
N VAL C 109 -5.95 -1.40 12.78
CA VAL C 109 -7.07 -1.06 13.69
C VAL C 109 -6.85 -1.60 15.09
N LEU C 110 -6.30 -2.77 15.21
CA LEU C 110 -6.05 -3.38 16.53
C LEU C 110 -5.10 -2.49 17.31
N VAL C 111 -4.05 -2.02 16.62
CA VAL C 111 -3.07 -1.14 17.27
C VAL C 111 -3.75 0.11 17.80
N CYS C 112 -4.63 0.70 17.05
CA CYS C 112 -5.36 1.91 17.45
C CYS C 112 -6.24 1.62 18.64
N VAL C 113 -6.85 0.42 18.65
CA VAL C 113 -7.69 0.01 19.77
C VAL C 113 -6.85 -0.11 21.05
N LEU C 114 -5.67 -0.71 20.94
CA LEU C 114 -4.82 -0.83 22.14
C LEU C 114 -4.42 0.58 22.64
N ALA C 115 -4.11 1.47 21.70
CA ALA C 115 -3.75 2.84 22.08
C ALA C 115 -4.91 3.48 22.85
N HIS C 116 -6.10 3.29 22.33
CA HIS C 116 -7.31 3.87 22.91
C HIS C 116 -7.55 3.35 24.30
N HIS C 117 -7.32 2.10 24.54
CA HIS C 117 -7.49 1.44 25.82
C HIS C 117 -6.41 1.67 26.86
N PHE C 118 -5.17 1.69 26.44
CA PHE C 118 -4.01 1.77 27.35
C PHE C 118 -3.48 3.16 27.51
N GLY C 119 -3.90 4.05 26.63
CA GLY C 119 -3.45 5.46 26.72
C GLY C 119 -1.91 5.47 26.83
N LYS C 120 -1.48 6.13 27.89
CA LYS C 120 -0.10 6.38 28.25
C LYS C 120 0.74 5.15 28.43
N GLU C 121 0.14 4.02 28.83
CA GLU C 121 1.02 2.81 28.94
C GLU C 121 1.39 2.28 27.53
N PHE C 122 0.69 2.80 26.52
CA PHE C 122 0.99 2.42 25.12
C PHE C 122 2.10 3.36 24.60
N THR C 123 3.32 3.12 25.04
CA THR C 123 4.47 3.97 24.68
C THR C 123 4.93 3.71 23.27
N PRO C 124 5.79 4.59 22.77
CA PRO C 124 6.33 4.48 21.42
C PRO C 124 6.97 3.14 21.14
N PRO C 125 7.89 2.63 21.94
CA PRO C 125 8.49 1.31 21.70
C PRO C 125 7.45 0.20 21.81
N VAL C 126 6.41 0.37 22.63
CA VAL C 126 5.39 -0.71 22.69
C VAL C 126 4.63 -0.65 21.35
N GLN C 127 4.32 0.59 20.92
CA GLN C 127 3.66 0.71 19.58
C GLN C 127 4.49 0.09 18.47
N ALA C 128 5.79 0.37 18.45
CA ALA C 128 6.69 -0.15 17.40
C ALA C 128 6.70 -1.67 17.43
N ALA C 129 6.78 -2.29 18.61
CA ALA C 129 6.75 -3.76 18.80
C ALA C 129 5.42 -4.33 18.30
N TYR C 130 4.28 -3.71 18.69
CA TYR C 130 2.95 -4.18 18.22
C TYR C 130 2.80 -4.10 16.71
N GLN C 131 3.41 -3.07 16.13
CA GLN C 131 3.39 -2.89 14.66
C GLN C 131 4.07 -4.05 13.99
N LYS C 132 5.22 -4.47 14.46
CA LYS C 132 5.98 -5.61 13.92
C LYS C 132 5.16 -6.88 14.09
N VAL C 133 4.53 -7.04 15.23
CA VAL C 133 3.67 -8.25 15.48
C VAL C 133 2.53 -8.28 14.45
N VAL C 134 1.74 -7.19 14.36
CA VAL C 134 0.55 -7.22 13.49
C VAL C 134 0.94 -7.40 12.04
N ALA C 135 2.07 -6.84 11.63
CA ALA C 135 2.57 -7.00 10.30
C ALA C 135 2.95 -8.49 10.11
N GLY C 136 3.60 -9.09 11.09
CA GLY C 136 3.99 -10.52 10.95
C GLY C 136 2.76 -11.39 10.81
N VAL C 137 1.72 -11.11 11.58
CA VAL C 137 0.45 -11.89 11.53
C VAL C 137 -0.22 -11.75 10.15
N ALA C 138 -0.22 -10.49 9.66
CA ALA C 138 -0.88 -10.25 8.35
C ALA C 138 -0.18 -11.06 7.26
N ASN C 139 1.17 -11.09 7.35
CA ASN C 139 2.04 -11.81 6.44
C ASN C 139 1.80 -13.32 6.47
N ALA C 140 1.66 -13.84 7.67
CA ALA C 140 1.38 -15.28 7.89
C ALA C 140 -0.03 -15.63 7.38
N LEU C 141 -1.03 -14.77 7.61
CA LEU C 141 -2.38 -15.04 7.08
C LEU C 141 -2.38 -15.01 5.54
N ALA C 142 -1.56 -14.19 4.90
CA ALA C 142 -1.55 -14.10 3.42
C ALA C 142 -0.63 -15.15 2.79
N HIS C 143 -0.09 -16.01 3.63
CA HIS C 143 0.83 -17.05 3.18
C HIS C 143 0.39 -17.78 1.93
N LYS C 144 -0.83 -18.24 1.80
CA LYS C 144 -1.35 -18.98 0.67
C LYS C 144 -1.30 -18.20 -0.61
N TYR C 145 -1.08 -16.90 -0.53
CA TYR C 145 -1.02 -16.11 -1.75
C TYR C 145 0.43 -15.99 -2.25
N HIS C 146 1.36 -16.42 -1.46
CA HIS C 146 2.78 -16.26 -1.71
C HIS C 146 3.50 -17.35 -2.46
N VAL D 1 8.42 -18.35 -1.13
CA VAL D 1 7.45 -18.27 -2.23
C VAL D 1 6.96 -19.65 -2.60
N HIS D 2 5.75 -19.73 -3.13
CA HIS D 2 5.30 -21.07 -3.54
C HIS D 2 5.08 -21.10 -5.03
N LEU D 3 5.95 -21.83 -5.72
CA LEU D 3 5.72 -21.94 -7.16
C LEU D 3 5.37 -23.41 -7.46
N THR D 4 4.43 -23.50 -8.36
CA THR D 4 3.99 -24.78 -8.91
C THR D 4 5.11 -25.17 -9.91
N PRO D 5 5.33 -26.46 -10.02
CA PRO D 5 6.33 -27.07 -10.91
C PRO D 5 6.40 -26.27 -12.20
N GLU D 6 5.21 -26.15 -12.79
CA GLU D 6 4.99 -25.44 -14.04
C GLU D 6 5.46 -24.01 -13.94
N GLU D 7 5.04 -23.31 -12.90
CA GLU D 7 5.46 -21.91 -12.69
C GLU D 7 6.97 -21.76 -12.59
N LYS D 8 7.57 -22.66 -11.84
CA LYS D 8 9.02 -22.63 -11.60
C LYS D 8 9.84 -22.94 -12.84
N SER D 9 9.38 -23.93 -13.59
CA SER D 9 10.12 -24.31 -14.81
C SER D 9 10.05 -23.10 -15.75
N ALA D 10 8.85 -22.55 -15.68
CA ALA D 10 8.44 -21.42 -16.49
C ALA D 10 9.37 -20.24 -16.22
N VAL D 11 9.47 -20.04 -14.92
CA VAL D 11 10.26 -18.92 -14.38
C VAL D 11 11.72 -19.03 -14.75
N THR D 12 12.32 -20.13 -14.37
CA THR D 12 13.75 -20.38 -14.62
C THR D 12 14.06 -20.44 -16.10
N ALA D 13 13.14 -20.90 -16.94
CA ALA D 13 13.41 -20.92 -18.39
C ALA D 13 13.61 -19.53 -18.96
N LEU D 14 12.63 -18.67 -18.80
CA LEU D 14 12.72 -17.30 -19.32
C LEU D 14 13.90 -16.56 -18.75
N TRP D 15 14.21 -16.77 -17.48
CA TRP D 15 15.32 -16.05 -16.85
C TRP D 15 16.62 -16.26 -17.63
N GLY D 16 16.86 -17.51 -17.95
CA GLY D 16 18.01 -17.97 -18.70
C GLY D 16 18.20 -17.18 -19.99
N LYS D 17 17.15 -16.62 -20.52
CA LYS D 17 17.16 -15.85 -21.76
C LYS D 17 17.31 -14.35 -21.49
N VAL D 18 17.34 -13.97 -20.20
CA VAL D 18 17.39 -12.53 -19.90
C VAL D 18 18.74 -11.89 -20.27
N ASN D 19 18.61 -10.75 -20.94
CA ASN D 19 19.80 -9.92 -21.23
C ASN D 19 19.90 -8.97 -20.02
N VAL D 20 20.80 -9.26 -19.10
CA VAL D 20 20.89 -8.44 -17.88
C VAL D 20 21.25 -6.99 -18.07
N ASP D 21 21.98 -6.73 -19.12
CA ASP D 21 22.42 -5.35 -19.39
C ASP D 21 21.18 -4.54 -19.73
N GLU D 22 20.44 -5.18 -20.64
CA GLU D 22 19.22 -4.53 -21.14
C GLU D 22 18.18 -4.33 -20.02
N VAL D 23 17.88 -5.39 -19.33
CA VAL D 23 16.88 -5.40 -18.26
C VAL D 23 17.28 -4.66 -17.03
N GLY D 24 18.52 -4.85 -16.57
CA GLY D 24 18.98 -4.11 -15.40
C GLY D 24 18.95 -2.62 -15.52
N GLY D 25 19.49 -1.98 -16.55
CA GLY D 25 19.50 -0.52 -16.58
C GLY D 25 18.10 0.05 -16.80
N GLU D 26 17.32 -0.71 -17.53
CA GLU D 26 15.92 -0.46 -17.89
C GLU D 26 15.08 -0.42 -16.60
N ALA D 27 15.23 -1.47 -15.80
CA ALA D 27 14.44 -1.55 -14.53
C ALA D 27 14.81 -0.43 -13.60
N LEU D 28 16.13 -0.23 -13.38
CA LEU D 28 16.62 0.82 -12.52
C LEU D 28 16.31 2.18 -13.06
N GLY D 29 16.45 2.40 -14.35
CA GLY D 29 16.12 3.71 -14.95
C GLY D 29 14.68 4.10 -14.81
N ARG D 30 13.82 3.12 -15.09
CA ARG D 30 12.38 3.31 -15.04
C ARG D 30 11.90 3.59 -13.61
N LEU D 31 12.54 2.96 -12.63
CA LEU D 31 12.19 3.27 -11.22
C LEU D 31 12.40 4.76 -10.94
N LEU D 32 13.59 5.26 -11.27
CA LEU D 32 13.94 6.68 -10.98
C LEU D 32 13.07 7.65 -11.75
N VAL D 33 12.64 7.24 -12.94
CA VAL D 33 11.82 8.10 -13.82
C VAL D 33 10.35 8.07 -13.43
N VAL D 34 9.83 6.87 -13.20
CA VAL D 34 8.37 6.81 -12.88
C VAL D 34 8.09 7.26 -11.45
N TYR D 35 8.94 6.98 -10.46
CA TYR D 35 8.70 7.31 -9.03
C TYR D 35 9.85 8.19 -8.59
N PRO D 36 9.71 9.48 -8.88
CA PRO D 36 10.83 10.42 -8.76
C PRO D 36 11.46 10.60 -7.41
N TRP D 37 10.71 10.34 -6.37
CA TRP D 37 11.26 10.50 -5.01
C TRP D 37 12.44 9.53 -4.85
N THR D 38 12.51 8.47 -5.65
CA THR D 38 13.56 7.42 -5.51
C THR D 38 14.95 7.96 -5.85
N GLN D 39 15.00 9.07 -6.58
CA GLN D 39 16.24 9.72 -6.98
C GLN D 39 17.08 10.11 -5.79
N ARG D 40 16.46 10.47 -4.69
CA ARG D 40 17.24 10.90 -3.48
C ARG D 40 18.21 9.85 -2.98
N PHE D 41 17.94 8.59 -3.22
CA PHE D 41 18.86 7.53 -2.78
C PHE D 41 20.11 7.49 -3.65
N PHE D 42 19.99 7.99 -4.87
CA PHE D 42 21.10 7.91 -5.83
C PHE D 42 21.74 9.24 -6.21
N GLU D 43 21.85 10.07 -5.21
CA GLU D 43 22.42 11.41 -5.41
C GLU D 43 23.86 11.27 -5.85
N SER D 44 24.50 10.20 -5.43
CA SER D 44 25.92 9.96 -5.76
C SER D 44 26.15 9.61 -7.21
N PHE D 45 25.08 9.36 -7.95
CA PHE D 45 25.16 8.96 -9.34
C PHE D 45 25.31 10.07 -10.35
N GLY D 46 25.00 11.28 -9.99
CA GLY D 46 25.06 12.42 -10.87
C GLY D 46 23.77 13.02 -11.39
N ASP D 47 23.71 13.09 -12.73
CA ASP D 47 22.60 13.67 -13.47
C ASP D 47 21.46 12.66 -13.73
N LEU D 48 20.45 12.92 -12.93
CA LEU D 48 19.21 12.16 -12.90
C LEU D 48 17.99 13.06 -13.14
N SER D 49 18.23 14.31 -13.42
CA SER D 49 17.24 15.36 -13.62
C SER D 49 16.21 15.15 -14.73
N THR D 50 16.55 14.37 -15.74
CA THR D 50 15.69 14.08 -16.87
C THR D 50 15.80 12.62 -17.28
N PRO D 51 14.69 12.16 -17.86
CA PRO D 51 14.61 10.78 -18.35
C PRO D 51 15.81 10.41 -19.16
N ASP D 52 16.30 11.36 -19.94
CA ASP D 52 17.48 11.20 -20.82
C ASP D 52 18.78 11.12 -20.04
N ALA D 53 18.91 12.02 -19.08
CA ALA D 53 20.07 12.03 -18.17
C ALA D 53 20.10 10.66 -17.46
N VAL D 54 18.92 10.28 -16.94
CA VAL D 54 18.80 9.00 -16.23
C VAL D 54 19.13 7.79 -17.08
N MET D 55 18.44 7.68 -18.21
CA MET D 55 18.58 6.47 -19.07
C MET D 55 19.98 6.39 -19.68
N GLY D 56 20.59 7.56 -19.85
CA GLY D 56 21.94 7.73 -20.35
C GLY D 56 23.06 7.28 -19.41
N ASN D 57 22.98 7.69 -18.15
CA ASN D 57 23.89 7.43 -17.05
C ASN D 57 24.37 5.99 -16.92
N PRO D 58 25.69 5.78 -17.08
CA PRO D 58 26.31 4.46 -17.02
C PRO D 58 26.44 3.94 -15.60
N LYS D 59 26.32 4.86 -14.65
CA LYS D 59 26.33 4.49 -13.21
C LYS D 59 25.03 3.70 -12.95
N VAL D 60 23.96 4.26 -13.47
CA VAL D 60 22.59 3.68 -13.40
C VAL D 60 22.58 2.32 -14.06
N LYS D 61 23.13 2.32 -15.28
CA LYS D 61 23.30 1.06 -16.02
C LYS D 61 24.13 0.05 -15.29
N ALA D 62 25.24 0.44 -14.68
CA ALA D 62 26.07 -0.60 -14.02
C ALA D 62 25.41 -1.14 -12.77
N HIS D 63 24.83 -0.18 -12.05
CA HIS D 63 24.17 -0.54 -10.77
C HIS D 63 22.98 -1.46 -11.05
N GLY D 64 22.29 -1.15 -12.15
CA GLY D 64 21.13 -1.93 -12.60
C GLY D 64 21.50 -3.38 -12.77
N LYS D 65 22.67 -3.62 -13.35
CA LYS D 65 23.25 -4.95 -13.61
C LYS D 65 23.55 -5.70 -12.31
N LYS D 66 24.05 -4.98 -11.29
CA LYS D 66 24.30 -5.51 -9.96
C LYS D 66 22.96 -5.94 -9.31
N VAL D 67 21.95 -5.06 -9.48
CA VAL D 67 20.62 -5.40 -8.88
C VAL D 67 20.11 -6.71 -9.47
N LEU D 68 20.25 -6.93 -10.77
CA LEU D 68 19.77 -8.17 -11.42
C LEU D 68 20.59 -9.39 -11.00
N GLY D 69 21.87 -9.08 -10.76
CA GLY D 69 22.72 -10.19 -10.32
C GLY D 69 22.19 -10.71 -9.00
N ALA D 70 21.79 -9.80 -8.10
CA ALA D 70 21.28 -10.28 -6.80
C ALA D 70 19.95 -11.00 -7.01
N PHE D 71 19.16 -10.51 -7.95
CA PHE D 71 17.90 -11.16 -8.31
C PHE D 71 18.09 -12.63 -8.72
N SER D 72 19.04 -12.81 -9.63
CA SER D 72 19.41 -14.17 -10.13
C SER D 72 19.76 -15.13 -9.00
N ASP D 73 20.55 -14.60 -8.10
CA ASP D 73 21.03 -15.36 -6.92
C ASP D 73 19.76 -15.75 -6.19
N GLY D 74 18.93 -14.73 -6.01
CA GLY D 74 17.63 -14.96 -5.35
C GLY D 74 16.87 -16.06 -6.05
N LEU D 75 16.81 -15.96 -7.36
CA LEU D 75 16.05 -16.98 -8.15
C LEU D 75 16.59 -18.39 -7.94
N ALA D 76 17.87 -18.50 -7.61
CA ALA D 76 18.44 -19.85 -7.43
C ALA D 76 18.06 -20.44 -6.09
N HIS D 77 17.62 -19.63 -5.13
CA HIS D 77 17.31 -20.03 -3.77
C HIS D 77 15.95 -19.59 -3.25
N LEU D 78 14.94 -19.87 -4.05
CA LEU D 78 13.54 -19.51 -3.82
C LEU D 78 13.01 -20.15 -2.56
N ASP D 79 13.85 -21.01 -2.08
CA ASP D 79 13.66 -21.82 -0.88
C ASP D 79 14.07 -21.01 0.35
N ASN D 80 15.06 -20.16 0.16
CA ASN D 80 15.65 -19.36 1.25
C ASN D 80 15.89 -17.93 0.81
N LEU D 81 14.80 -17.26 0.48
CA LEU D 81 14.99 -15.85 0.05
C LEU D 81 15.51 -15.05 1.21
N LYS D 82 14.98 -15.29 2.41
CA LYS D 82 15.39 -14.50 3.57
C LYS D 82 16.88 -14.56 3.86
N GLY D 83 17.42 -15.76 3.89
CA GLY D 83 18.86 -15.99 4.17
C GLY D 83 19.65 -15.46 2.98
N THR D 84 19.14 -15.77 1.79
CA THR D 84 19.80 -15.27 0.57
C THR D 84 19.99 -13.77 0.64
N PHE D 85 19.01 -13.02 1.08
CA PHE D 85 19.04 -11.54 1.09
C PHE D 85 19.43 -10.86 2.37
N ALA D 86 19.82 -11.62 3.38
CA ALA D 86 20.17 -11.05 4.69
C ALA D 86 21.04 -9.85 4.70
N THR D 87 22.20 -9.94 4.07
CA THR D 87 23.18 -8.83 4.01
C THR D 87 22.63 -7.65 3.26
N LEU D 88 21.91 -7.88 2.16
CA LEU D 88 21.29 -6.76 1.41
C LEU D 88 20.16 -6.11 2.24
N SER D 89 19.55 -6.92 3.10
CA SER D 89 18.48 -6.34 3.98
C SER D 89 19.09 -5.38 4.97
N GLU D 90 20.17 -5.81 5.60
CA GLU D 90 20.93 -4.98 6.53
C GLU D 90 21.41 -3.71 5.84
N LEU D 91 21.95 -3.83 4.62
CA LEU D 91 22.39 -2.65 3.89
C LEU D 91 21.24 -1.69 3.60
N HIS D 92 20.19 -2.22 2.99
CA HIS D 92 19.06 -1.34 2.59
C HIS D 92 18.23 -0.76 3.70
N CYS D 93 18.08 -1.54 4.74
CA CYS D 93 17.26 -1.17 5.91
C CYS D 93 18.03 -0.37 6.95
N ASP D 94 19.02 -1.03 7.53
CA ASP D 94 19.84 -0.39 8.60
C ASP D 94 20.70 0.75 8.14
N LYS D 95 21.30 0.61 6.97
CA LYS D 95 22.18 1.67 6.45
C LYS D 95 21.53 2.72 5.59
N LEU D 96 20.88 2.26 4.54
CA LEU D 96 20.29 3.16 3.55
C LEU D 96 18.92 3.67 4.01
N HIS D 97 18.21 2.90 4.80
CA HIS D 97 16.87 3.32 5.24
C HIS D 97 15.93 3.48 4.06
N VAL D 98 15.93 2.47 3.21
CA VAL D 98 14.95 2.55 2.09
C VAL D 98 13.59 2.07 2.62
N ASP D 99 12.55 2.83 2.27
CA ASP D 99 11.11 2.55 2.63
C ASP D 99 10.84 1.19 1.98
N PRO D 100 10.22 0.30 2.72
CA PRO D 100 9.89 -1.02 2.21
C PRO D 100 9.02 -0.89 0.95
N GLU D 101 8.19 0.17 0.88
CA GLU D 101 7.31 0.31 -0.31
C GLU D 101 8.12 0.41 -1.61
N ASN D 102 9.30 1.01 -1.51
CA ASN D 102 10.15 1.16 -2.71
C ASN D 102 10.61 -0.19 -3.22
N PHE D 103 10.81 -1.17 -2.38
CA PHE D 103 11.21 -2.55 -2.81
C PHE D 103 10.04 -3.13 -3.64
N ARG D 104 8.81 -2.81 -3.23
CA ARG D 104 7.65 -3.25 -4.03
C ARG D 104 7.62 -2.52 -5.38
N LEU D 105 7.87 -1.21 -5.39
CA LEU D 105 7.87 -0.44 -6.66
C LEU D 105 8.92 -0.96 -7.61
N LEU D 106 10.13 -1.30 -7.13
CA LEU D 106 11.14 -1.84 -8.07
C LEU D 106 10.66 -3.16 -8.64
N GLY D 107 10.13 -4.00 -7.79
CA GLY D 107 9.55 -5.27 -8.21
C GLY D 107 8.54 -5.06 -9.29
N ASN D 108 7.55 -4.19 -9.10
CA ASN D 108 6.59 -3.92 -10.14
C ASN D 108 7.22 -3.43 -11.47
N VAL D 109 8.14 -2.48 -11.41
CA VAL D 109 8.81 -1.98 -12.61
C VAL D 109 9.47 -3.17 -13.37
N LEU D 110 10.13 -4.05 -12.62
CA LEU D 110 10.82 -5.20 -13.16
C LEU D 110 9.89 -6.08 -13.93
N VAL D 111 8.71 -6.29 -13.37
CA VAL D 111 7.68 -7.10 -14.04
C VAL D 111 7.25 -6.45 -15.35
N CYS D 112 7.05 -5.14 -15.34
CA CYS D 112 6.71 -4.42 -16.58
C CYS D 112 7.84 -4.51 -17.64
N VAL D 113 9.07 -4.48 -17.18
CA VAL D 113 10.27 -4.64 -18.05
C VAL D 113 10.31 -6.06 -18.64
N LEU D 114 9.95 -7.08 -17.88
CA LEU D 114 9.95 -8.48 -18.44
C LEU D 114 8.83 -8.67 -19.46
N ALA D 115 7.68 -8.09 -19.24
CA ALA D 115 6.55 -8.12 -20.16
C ALA D 115 7.05 -7.56 -21.52
N HIS D 116 7.71 -6.46 -21.37
CA HIS D 116 8.33 -5.57 -22.32
C HIS D 116 9.43 -6.32 -23.07
N HIS D 117 10.07 -7.21 -22.36
CA HIS D 117 11.22 -7.97 -22.88
C HIS D 117 10.86 -9.36 -23.23
N PHE D 118 9.62 -9.78 -23.13
CA PHE D 118 9.39 -11.20 -23.52
C PHE D 118 8.13 -11.21 -24.41
N GLY D 119 7.46 -10.09 -24.55
CA GLY D 119 6.24 -9.97 -25.34
C GLY D 119 5.35 -11.21 -25.15
N LYS D 120 5.11 -11.91 -26.24
CA LYS D 120 4.30 -13.11 -26.30
C LYS D 120 4.61 -14.15 -25.26
N GLU D 121 5.85 -14.36 -24.86
CA GLU D 121 6.08 -15.44 -23.88
C GLU D 121 5.71 -15.09 -22.44
N PHE D 122 5.35 -13.85 -22.20
CA PHE D 122 4.98 -13.33 -20.89
C PHE D 122 3.44 -13.51 -20.71
N THR D 123 3.05 -14.74 -20.58
CA THR D 123 1.65 -15.16 -20.43
C THR D 123 1.19 -14.92 -18.98
N PRO D 124 -0.14 -14.94 -18.82
CA PRO D 124 -0.78 -14.63 -17.49
C PRO D 124 -0.20 -15.45 -16.38
N PRO D 125 -0.03 -16.77 -16.53
CA PRO D 125 0.59 -17.63 -15.51
C PRO D 125 2.05 -17.29 -15.24
N VAL D 126 2.75 -16.83 -16.31
CA VAL D 126 4.17 -16.45 -16.13
C VAL D 126 4.19 -15.14 -15.32
N GLN D 127 3.31 -14.22 -15.70
CA GLN D 127 3.27 -12.95 -14.92
C GLN D 127 2.90 -13.23 -13.44
N ALA D 128 1.99 -14.20 -13.27
CA ALA D 128 1.54 -14.53 -11.91
C ALA D 128 2.67 -15.07 -11.12
N ALA D 129 3.52 -15.90 -11.73
CA ALA D 129 4.69 -16.52 -11.08
C ALA D 129 5.73 -15.47 -10.77
N TYR D 130 6.01 -14.63 -11.77
CA TYR D 130 6.99 -13.54 -11.53
C TYR D 130 6.51 -12.57 -10.45
N GLN D 131 5.24 -12.28 -10.36
CA GLN D 131 4.68 -11.40 -9.31
C GLN D 131 4.95 -11.99 -7.94
N LYS D 132 4.76 -13.29 -7.78
CA LYS D 132 5.08 -13.97 -6.48
C LYS D 132 6.55 -13.85 -6.19
N VAL D 133 7.40 -13.99 -7.22
CA VAL D 133 8.86 -13.86 -7.01
C VAL D 133 9.24 -12.48 -6.53
N VAL D 134 8.87 -11.44 -7.24
CA VAL D 134 9.20 -10.06 -6.88
C VAL D 134 8.65 -9.70 -5.53
N ALA D 135 7.45 -10.16 -5.19
CA ALA D 135 6.90 -9.83 -3.86
C ALA D 135 7.74 -10.49 -2.77
N GLY D 136 8.20 -11.70 -3.06
CA GLY D 136 9.03 -12.55 -2.20
C GLY D 136 10.36 -11.86 -1.92
N VAL D 137 10.97 -11.33 -2.96
CA VAL D 137 12.25 -10.59 -2.86
C VAL D 137 12.08 -9.30 -2.04
N ALA D 138 10.99 -8.56 -2.34
CA ALA D 138 10.69 -7.29 -1.64
C ALA D 138 10.54 -7.58 -0.15
N ASN D 139 9.79 -8.64 0.15
CA ASN D 139 9.61 -9.02 1.55
C ASN D 139 10.92 -9.44 2.23
N ALA D 140 11.77 -10.20 1.59
CA ALA D 140 13.07 -10.62 2.13
C ALA D 140 13.99 -9.42 2.30
N LEU D 141 13.93 -8.45 1.38
CA LEU D 141 14.71 -7.23 1.52
C LEU D 141 14.27 -6.36 2.71
N ALA D 142 12.97 -6.38 3.02
CA ALA D 142 12.44 -5.54 4.14
C ALA D 142 12.55 -6.24 5.49
N HIS D 143 13.15 -7.41 5.44
CA HIS D 143 13.24 -8.28 6.62
C HIS D 143 13.78 -7.63 7.87
N LYS D 144 14.81 -6.81 7.79
CA LYS D 144 15.36 -6.09 8.93
C LYS D 144 14.36 -5.16 9.60
N TYR D 145 13.27 -4.81 8.93
CA TYR D 145 12.28 -3.89 9.59
C TYR D 145 11.25 -4.71 10.37
N HIS D 146 11.22 -6.00 10.09
CA HIS D 146 10.26 -6.93 10.66
C HIS D 146 10.56 -7.50 12.03
#